data_4P3U
#
_entry.id   4P3U
#
_cell.length_a   155.380
_cell.length_b   32.730
_cell.length_c   80.990
_cell.angle_alpha   90.000
_cell.angle_beta   117.060
_cell.angle_gamma   90.000
#
_symmetry.space_group_name_H-M   'C 1 2 1'
#
loop_
_entity.id
_entity.type
_entity.pdbx_description
1 polymer "5'-R(*UP*UP*GP*CP*GP*UP*CP*UP*CP*GP*(5BU)P*CP*GP*AP*CP*GP*AP*AP*GP*UP*CP*GP*C)-3'"
2 water water
#
_entity_poly.entity_id   1
_entity_poly.type   'polyribonucleotide'
_entity_poly.pdbx_seq_one_letter_code
;UUGCGUCUCG(5BU)CGACGAAGUCGC
;
_entity_poly.pdbx_strand_id   A,B,C,D
#
loop_
_chem_comp.id
_chem_comp.type
_chem_comp.name
_chem_comp.formula
5BU RNA linking 5-BROMO-URIDINE-5'-MONOPHOSPHATE 'C9 H12 Br N2 O9 P'
A RNA linking ADENOSINE-5'-MONOPHOSPHATE 'C10 H14 N5 O7 P'
C RNA linking CYTIDINE-5'-MONOPHOSPHATE 'C9 H14 N3 O8 P'
G RNA linking GUANOSINE-5'-MONOPHOSPHATE 'C10 H14 N5 O8 P'
U RNA linking URIDINE-5'-MONOPHOSPHATE 'C9 H13 N2 O9 P'
#
# COMPACT_ATOMS: atom_id res chain seq x y z
P 5BU A 11 -4.58 -2.12 16.08
OP1 5BU A 11 -3.43 -1.20 16.16
OP2 5BU A 11 -4.66 -3.10 14.95
O5' 5BU A 11 -4.70 -2.93 17.45
C5' 5BU A 11 -4.78 -2.24 18.71
C4' 5BU A 11 -4.83 -3.23 19.86
O4' 5BU A 11 -6.05 -4.02 19.85
C3' 5BU A 11 -3.73 -4.27 19.87
O3' 5BU A 11 -2.54 -3.68 20.38
C2' 5BU A 11 -4.31 -5.30 20.84
O2' 5BU A 11 -4.10 -4.97 22.19
C1' 5BU A 11 -5.80 -5.29 20.45
N1 5BU A 11 -6.07 -6.32 19.44
C2 5BU A 11 -6.18 -7.66 19.79
O2 5BU A 11 -6.07 -8.04 20.94
N3 5BU A 11 -6.38 -8.52 18.74
C4 5BU A 11 -6.47 -8.20 17.40
O4 5BU A 11 -6.71 -9.09 16.58
C5 5BU A 11 -6.34 -6.80 17.10
C6 5BU A 11 -6.16 -5.94 18.11
BR 5BU A 11 -6.13 -6.22 15.28
P 5BU B 11 -3.63 -13.02 3.09
OP1 5BU B 11 -4.70 -13.48 2.20
OP2 5BU B 11 -3.94 -12.00 4.13
O5' 5BU B 11 -3.03 -14.30 3.81
C5' 5BU B 11 -2.81 -15.50 3.10
C4' 5BU B 11 -2.42 -16.61 4.04
O4' 5BU B 11 -1.16 -16.28 4.66
C3' 5BU B 11 -3.34 -16.79 5.23
O3' 5BU B 11 -4.54 -17.47 4.84
C2' 5BU B 11 -2.45 -17.53 6.23
O2' 5BU B 11 -2.28 -18.92 6.02
C1' 5BU B 11 -1.12 -16.83 5.98
N1 5BU B 11 -0.85 -15.74 6.93
C2 5BU B 11 -0.41 -16.10 8.16
O2 5BU B 11 -0.26 -17.28 8.46
N3 5BU B 11 -0.16 -15.07 9.04
C4 5BU B 11 -0.32 -13.73 8.79
O4 5BU B 11 -0.11 -12.92 9.68
C5 5BU B 11 -0.79 -13.43 7.48
C6 5BU B 11 -1.04 -14.42 6.61
BR 5BU B 11 -1.52 -11.68 7.13
P 5BU C 11 3.62 15.72 -4.60
OP1 5BU C 11 4.74 16.37 -3.87
OP2 5BU C 11 3.74 15.48 -6.04
O5' 5BU C 11 3.40 14.31 -3.91
C5' 5BU C 11 3.77 14.10 -2.57
C4' 5BU C 11 3.93 12.63 -2.30
O4' 5BU C 11 2.71 11.95 -2.65
C3' 5BU C 11 4.97 11.92 -3.14
O3' 5BU C 11 6.28 12.15 -2.65
C2' 5BU C 11 4.53 10.47 -2.92
O2' 5BU C 11 4.89 9.97 -1.65
C1' 5BU C 11 3.02 10.60 -3.00
N1 5BU C 11 2.53 10.36 -4.36
C2 5BU C 11 2.29 9.05 -4.72
O2 5BU C 11 2.52 8.12 -3.99
N3 5BU C 11 1.79 8.88 -5.99
C4 5BU C 11 1.50 9.87 -6.90
O4 5BU C 11 0.83 9.58 -7.89
C5 5BU C 11 1.82 11.21 -6.47
C6 5BU C 11 2.30 11.40 -5.23
BR 5BU C 11 1.89 12.65 -7.75
P 5BU D 11 0.99 11.29 -21.15
OP1 5BU D 11 -0.22 10.88 -21.92
OP2 5BU D 11 0.86 11.62 -19.72
O5' 5BU D 11 2.09 10.14 -21.30
C5' 5BU D 11 2.14 9.33 -22.46
C4' 5BU D 11 3.07 8.16 -22.27
O4' 5BU D 11 4.41 8.61 -21.92
C3' 5BU D 11 2.78 7.17 -21.16
O3' 5BU D 11 1.71 6.29 -21.48
C2' 5BU D 11 4.10 6.41 -21.11
O2' 5BU D 11 4.26 5.55 -22.22
C1' 5BU D 11 5.09 7.58 -21.22
N1 5BU D 11 5.48 8.09 -19.89
C2 5BU D 11 6.49 7.46 -19.21
O2 5BU D 11 7.12 6.52 -19.66
N3 5BU D 11 6.75 7.97 -17.96
C4 5BU D 11 6.13 9.02 -17.35
O4 5BU D 11 6.45 9.32 -16.20
C5 5BU D 11 5.10 9.64 -18.12
C6 5BU D 11 4.82 9.16 -19.35
BR 5BU D 11 4.25 11.25 -17.50
#